data_7VUU
#
_entry.id   7VUU
#
_cell.length_a   82.919
_cell.length_b   82.919
_cell.length_c   104.948
_cell.angle_alpha   90.000
_cell.angle_beta   90.000
_cell.angle_gamma   90.000
#
_symmetry.space_group_name_H-M   'P 43 21 2'
#
loop_
_entity.id
_entity.type
_entity.pdbx_description
1 polymer AlleyCat
2 non-polymer 5-nitro-1H-benzotriazole
3 non-polymer 'CALCIUM ION'
4 water water
#
_entity_poly.entity_id   1
_entity_poly.type   'polypeptide(L)'
_entity_poly.pdbx_seq_one_letter_code
;MKDTDSEEELREQFRVEDKDGNGYISAAELRIVMTNRGEPLTDEEVDELHRETDIDGDGQVNYEEFVQRMRAK
;
_entity_poly.pdbx_strand_id   A,B,C,D
#
# COMPACT_ATOMS: atom_id res chain seq x y z
N LEU A 10 -18.37 16.17 -0.12
CA LEU A 10 -16.96 16.06 0.22
C LEU A 10 -16.79 15.49 1.62
N ARG A 11 -17.33 16.19 2.62
CA ARG A 11 -17.29 15.70 3.99
C ARG A 11 -17.84 14.29 4.09
N GLU A 12 -19.04 14.07 3.56
CA GLU A 12 -19.67 12.76 3.64
C GLU A 12 -18.84 11.71 2.92
N GLN A 13 -18.28 12.06 1.76
CA GLN A 13 -17.48 11.11 1.01
C GLN A 13 -16.21 10.73 1.77
N PHE A 14 -15.53 11.72 2.35
CA PHE A 14 -14.34 11.42 3.15
C PHE A 14 -14.65 10.44 4.26
N ARG A 15 -15.77 10.63 4.96
CA ARG A 15 -16.13 9.74 6.06
C ARG A 15 -16.37 8.32 5.57
N VAL A 16 -16.99 8.17 4.39
CA VAL A 16 -17.20 6.86 3.81
C VAL A 16 -15.87 6.12 3.66
N GLU A 17 -14.88 6.79 3.06
CA GLU A 17 -13.61 6.15 2.76
C GLU A 17 -12.76 6.00 4.01
N ASP A 18 -12.86 6.93 4.95
CA ASP A 18 -12.19 6.86 6.24
C ASP A 18 -12.87 5.77 7.08
N LYS A 19 -12.52 4.52 6.78
CA LYS A 19 -13.22 3.38 7.38
C LYS A 19 -13.08 3.38 8.90
N ASP A 20 -11.88 3.63 9.42
CA ASP A 20 -11.68 3.59 10.87
C ASP A 20 -11.94 4.95 11.54
N GLY A 21 -12.45 5.93 10.80
CA GLY A 21 -12.81 7.23 11.36
C GLY A 21 -11.68 8.00 12.04
N ASN A 22 -10.45 7.83 11.58
CA ASN A 22 -9.33 8.49 12.24
C ASN A 22 -8.93 9.81 11.57
N GLY A 23 -9.78 10.38 10.72
CA GLY A 23 -9.44 11.61 10.04
C GLY A 23 -8.40 11.49 8.95
N TYR A 24 -8.09 10.26 8.53
CA TYR A 24 -7.21 10.03 7.40
C TYR A 24 -7.79 8.96 6.51
N ILE A 25 -7.50 9.06 5.22
CA ILE A 25 -7.66 7.94 4.30
C ILE A 25 -6.27 7.33 4.10
N SER A 26 -6.13 6.09 4.54
CA SER A 26 -4.92 5.32 4.34
C SER A 26 -4.94 4.65 2.98
N ALA A 27 -3.77 4.18 2.55
CA ALA A 27 -3.68 3.48 1.28
C ALA A 27 -4.55 2.22 1.29
N ALA A 28 -4.52 1.48 2.40
CA ALA A 28 -5.34 0.27 2.49
C ALA A 28 -6.84 0.59 2.45
N GLU A 29 -7.24 1.67 3.12
CA GLU A 29 -8.64 2.09 3.05
C GLU A 29 -9.03 2.44 1.61
N LEU A 30 -8.15 3.15 0.90
CA LEU A 30 -8.44 3.52 -0.48
C LEU A 30 -8.54 2.28 -1.36
N ARG A 31 -7.70 1.27 -1.09
CA ARG A 31 -7.78 0.05 -1.90
C ARG A 31 -9.14 -0.63 -1.69
N ILE A 32 -9.63 -0.64 -0.45
CA ILE A 32 -10.97 -1.16 -0.15
C ILE A 32 -12.04 -0.37 -0.89
N VAL A 33 -11.93 0.95 -0.89
CA VAL A 33 -12.89 1.82 -1.56
C VAL A 33 -12.95 1.51 -3.05
N MET A 34 -11.78 1.49 -3.71
CA MET A 34 -11.73 1.24 -5.15
C MET A 34 -12.24 -0.15 -5.50
N THR A 35 -11.93 -1.13 -4.64
CA THR A 35 -12.43 -2.49 -4.87
C THR A 35 -13.94 -2.56 -4.71
N ASN A 36 -14.49 -1.82 -3.73
CA ASN A 36 -15.93 -1.82 -3.52
C ASN A 36 -16.68 -1.14 -4.66
N ARG A 37 -16.05 -0.17 -5.33
CA ARG A 37 -16.66 0.52 -6.46
C ARG A 37 -16.42 -0.17 -7.80
N GLY A 38 -15.63 -1.23 -7.82
CA GLY A 38 -15.27 -1.84 -9.09
C GLY A 38 -14.48 -0.93 -10.02
N GLU A 39 -13.52 -0.17 -9.47
CA GLU A 39 -12.75 0.71 -10.34
C GLU A 39 -11.69 -0.09 -11.10
N PRO A 40 -11.48 0.22 -12.41
CA PRO A 40 -10.55 -0.58 -13.22
C PRO A 40 -9.08 -0.29 -12.93
N LEU A 41 -8.67 -0.45 -11.68
CA LEU A 41 -7.33 -0.12 -11.22
C LEU A 41 -6.79 -1.29 -10.42
N THR A 42 -5.53 -1.64 -10.63
CA THR A 42 -4.94 -2.65 -9.77
C THR A 42 -4.63 -2.02 -8.42
N ASP A 43 -4.35 -2.89 -7.44
CA ASP A 43 -3.96 -2.40 -6.13
C ASP A 43 -2.75 -1.46 -6.24
N GLU A 44 -1.76 -1.85 -7.04
CA GLU A 44 -0.55 -1.04 -7.21
C GLU A 44 -0.87 0.35 -7.76
N GLU A 45 -1.81 0.45 -8.70
CA GLU A 45 -2.17 1.73 -9.28
C GLU A 45 -2.91 2.61 -8.28
N VAL A 46 -3.75 2.00 -7.44
CA VAL A 46 -4.39 2.75 -6.37
C VAL A 46 -3.32 3.28 -5.39
N ASP A 47 -2.33 2.45 -5.06
CA ASP A 47 -1.23 2.93 -4.21
C ASP A 47 -0.55 4.16 -4.81
N GLU A 48 -0.38 4.20 -6.14
CA GLU A 48 0.20 5.38 -6.78
C GLU A 48 -0.75 6.57 -6.72
N LEU A 49 -2.03 6.32 -7.00
CA LEU A 49 -3.04 7.37 -6.86
C LEU A 49 -3.04 7.95 -5.44
N HIS A 50 -3.02 7.06 -4.44
CA HIS A 50 -2.97 7.53 -3.05
C HIS A 50 -1.72 8.36 -2.80
N ARG A 51 -0.57 7.87 -3.26
CA ARG A 51 0.68 8.56 -3.02
C ARG A 51 0.69 9.95 -3.64
N GLU A 52 0.13 10.08 -4.86
CA GLU A 52 0.05 11.40 -5.51
C GLU A 52 -0.89 12.34 -4.75
N THR A 53 -2.02 11.81 -4.26
CA THR A 53 -2.93 12.63 -3.48
C THR A 53 -2.31 13.09 -2.17
N ASP A 54 -1.30 12.36 -1.68
CA ASP A 54 -0.71 12.57 -0.36
C ASP A 54 0.35 13.66 -0.48
N ILE A 55 -0.12 14.91 -0.51
CA ILE A 55 0.77 16.05 -0.74
C ILE A 55 1.93 16.07 0.26
N ASP A 56 1.63 16.00 1.55
CA ASP A 56 2.72 16.13 2.51
C ASP A 56 3.57 14.87 2.61
N GLY A 57 3.16 13.77 1.97
CA GLY A 57 3.99 12.59 1.90
C GLY A 57 4.06 11.78 3.17
N ASP A 58 3.11 11.94 4.08
CA ASP A 58 3.19 11.25 5.36
C ASP A 58 2.49 9.90 5.33
N GLY A 59 2.01 9.46 4.17
CA GLY A 59 1.37 8.18 4.04
C GLY A 59 -0.12 8.20 4.29
N GLN A 60 -0.67 9.34 4.66
CA GLN A 60 -2.10 9.48 4.88
C GLN A 60 -2.63 10.58 3.97
N VAL A 61 -3.86 10.39 3.49
CA VAL A 61 -4.61 11.42 2.79
C VAL A 61 -5.54 12.07 3.82
N ASN A 62 -5.23 13.32 4.19
CA ASN A 62 -6.07 14.07 5.11
C ASN A 62 -7.14 14.80 4.30
N TYR A 63 -8.08 15.43 5.01
CA TYR A 63 -9.22 16.04 4.35
C TYR A 63 -8.79 17.10 3.32
N GLU A 64 -7.80 17.94 3.66
CA GLU A 64 -7.35 18.95 2.71
C GLU A 64 -6.82 18.33 1.42
N GLU A 65 -5.97 17.31 1.55
CA GLU A 65 -5.45 16.62 0.37
C GLU A 65 -6.57 15.99 -0.46
N PHE A 66 -7.58 15.45 0.23
CA PHE A 66 -8.73 14.82 -0.44
C PHE A 66 -9.53 15.84 -1.26
N VAL A 67 -9.83 17.01 -0.68
CA VAL A 67 -10.56 18.03 -1.41
C VAL A 67 -9.77 18.48 -2.64
N GLN A 68 -8.45 18.59 -2.49
CA GLN A 68 -7.62 18.96 -3.62
C GLN A 68 -7.64 17.87 -4.70
N ARG A 69 -7.73 16.62 -4.27
CA ARG A 69 -7.95 15.52 -5.21
C ARG A 69 -9.22 15.74 -6.02
N MET A 70 -10.35 15.87 -5.32
CA MET A 70 -11.65 15.99 -5.99
C MET A 70 -11.74 17.19 -6.93
N ARG A 71 -10.90 18.20 -6.73
CA ARG A 71 -10.86 19.35 -7.62
C ARG A 71 -10.30 19.02 -9.00
N ALA A 72 -9.68 17.85 -9.18
CA ALA A 72 -9.05 17.50 -10.44
C ALA A 72 -10.07 17.31 -11.56
N SER B 6 25.05 -11.11 3.91
CA SER B 6 26.04 -10.95 2.84
C SER B 6 25.38 -10.30 1.63
N GLU B 7 26.21 -9.76 0.72
CA GLU B 7 25.68 -9.09 -0.46
C GLU B 7 24.84 -10.05 -1.29
N GLU B 8 25.33 -11.26 -1.56
CA GLU B 8 24.61 -12.13 -2.49
C GLU B 8 23.33 -12.67 -1.87
N GLU B 9 23.30 -12.83 -0.54
CA GLU B 9 22.01 -13.11 0.11
C GLU B 9 21.06 -11.93 -0.02
N LEU B 10 21.58 -10.70 0.01
CA LEU B 10 20.72 -9.53 -0.11
C LEU B 10 20.28 -9.27 -1.54
N ARG B 11 21.12 -9.58 -2.54
CA ARG B 11 20.67 -9.57 -3.92
C ARG B 11 19.54 -10.56 -4.12
N GLU B 12 19.74 -11.77 -3.58
CA GLU B 12 18.77 -12.84 -3.78
C GLU B 12 17.42 -12.49 -3.17
N GLN B 13 17.43 -11.99 -1.93
CA GLN B 13 16.18 -11.55 -1.34
C GLN B 13 15.55 -10.42 -2.14
N PHE B 14 16.35 -9.40 -2.51
CA PHE B 14 15.76 -8.28 -3.25
C PHE B 14 15.16 -8.76 -4.56
N ARG B 15 15.84 -9.69 -5.24
CA ARG B 15 15.28 -10.21 -6.49
C ARG B 15 13.99 -10.99 -6.23
N VAL B 16 13.86 -11.68 -5.10
CA VAL B 16 12.60 -12.38 -4.82
C VAL B 16 11.48 -11.37 -4.55
N GLU B 17 11.78 -10.29 -3.82
CA GLU B 17 10.76 -9.30 -3.48
C GLU B 17 10.31 -8.50 -4.70
N ASP B 18 11.21 -8.21 -5.62
CA ASP B 18 10.90 -7.42 -6.81
C ASP B 18 10.21 -8.32 -7.84
N LYS B 19 8.88 -8.38 -7.79
CA LYS B 19 8.16 -9.36 -8.61
C LYS B 19 8.13 -8.99 -10.09
N ASP B 20 8.11 -7.69 -10.46
CA ASP B 20 8.10 -7.32 -11.87
C ASP B 20 9.48 -6.98 -12.40
N GLY B 21 10.53 -7.28 -11.64
CA GLY B 21 11.87 -7.18 -12.16
C GLY B 21 12.31 -5.80 -12.59
N ASN B 22 11.70 -4.75 -12.05
CA ASN B 22 12.04 -3.40 -12.47
C ASN B 22 13.10 -2.74 -11.59
N GLY B 23 13.71 -3.48 -10.66
CA GLY B 23 14.76 -2.95 -9.81
C GLY B 23 14.27 -2.27 -8.55
N TYR B 24 12.96 -2.29 -8.30
CA TYR B 24 12.36 -1.63 -7.17
C TYR B 24 11.39 -2.56 -6.47
N ILE B 25 11.23 -2.37 -5.16
CA ILE B 25 10.16 -3.00 -4.39
C ILE B 25 9.08 -1.96 -4.14
N SER B 26 7.85 -2.24 -4.58
CA SER B 26 6.72 -1.36 -4.35
C SER B 26 5.98 -1.81 -3.10
N ALA B 27 5.07 -0.96 -2.62
CA ALA B 27 4.28 -1.35 -1.46
C ALA B 27 3.47 -2.60 -1.75
N ALA B 28 2.90 -2.71 -2.95
CA ALA B 28 2.15 -3.91 -3.30
C ALA B 28 3.03 -5.16 -3.25
N GLU B 29 4.26 -5.10 -3.78
CA GLU B 29 5.20 -6.20 -3.68
C GLU B 29 5.55 -6.54 -2.23
N LEU B 30 5.76 -5.51 -1.39
CA LEU B 30 6.09 -5.78 0.01
C LEU B 30 4.94 -6.46 0.73
N ARG B 31 3.69 -6.14 0.37
CA ARG B 31 2.55 -6.79 1.02
C ARG B 31 2.48 -8.27 0.64
N ILE B 32 2.77 -8.58 -0.64
CA ILE B 32 2.90 -9.97 -1.07
C ILE B 32 3.98 -10.68 -0.27
N VAL B 33 5.17 -10.05 -0.14
CA VAL B 33 6.25 -10.65 0.64
C VAL B 33 5.79 -10.98 2.06
N MET B 34 5.17 -10.01 2.73
CA MET B 34 4.83 -10.21 4.14
C MET B 34 3.71 -11.23 4.30
N THR B 35 2.78 -11.26 3.34
CA THR B 35 1.77 -12.31 3.33
C THR B 35 2.40 -13.70 3.17
N ASN B 36 3.28 -13.85 2.18
CA ASN B 36 3.86 -15.17 1.91
C ASN B 36 4.67 -15.69 3.08
N ARG B 37 5.37 -14.80 3.80
CA ARG B 37 6.14 -15.17 4.98
C ARG B 37 5.29 -15.36 6.22
N GLY B 38 3.99 -15.10 6.16
CA GLY B 38 3.18 -15.19 7.36
C GLY B 38 3.58 -14.21 8.45
N GLU B 39 3.92 -13.00 8.09
CA GLU B 39 4.32 -12.09 9.16
C GLU B 39 3.09 -11.49 9.83
N PRO B 40 3.12 -11.32 11.16
CA PRO B 40 1.98 -10.78 11.91
C PRO B 40 1.86 -9.26 11.77
N LEU B 41 1.66 -8.79 10.54
CA LEU B 41 1.52 -7.37 10.28
C LEU B 41 0.28 -7.15 9.44
N THR B 42 -0.49 -6.13 9.80
CA THR B 42 -1.63 -5.75 8.97
C THR B 42 -1.14 -5.08 7.68
N ASP B 43 -2.05 -4.93 6.73
CA ASP B 43 -1.65 -4.32 5.46
C ASP B 43 -1.23 -2.87 5.65
N GLU B 44 -1.95 -2.12 6.50
CA GLU B 44 -1.55 -0.75 6.78
C GLU B 44 -0.16 -0.68 7.39
N GLU B 45 0.20 -1.67 8.22
CA GLU B 45 1.50 -1.65 8.88
C GLU B 45 2.63 -1.92 7.88
N VAL B 46 2.40 -2.84 6.94
CA VAL B 46 3.37 -3.10 5.85
C VAL B 46 3.52 -1.88 4.95
N ASP B 47 2.41 -1.22 4.62
CA ASP B 47 2.51 0.02 3.85
C ASP B 47 3.37 1.05 4.58
N GLU B 48 3.19 1.16 5.89
CA GLU B 48 3.99 2.11 6.66
C GLU B 48 5.45 1.70 6.68
N LEU B 49 5.72 0.41 6.87
CA LEU B 49 7.08 -0.12 6.82
C LEU B 49 7.75 0.20 5.49
N HIS B 50 7.01 0.02 4.38
CA HIS B 50 7.54 0.34 3.06
C HIS B 50 7.86 1.82 2.93
N ARG B 51 6.93 2.67 3.36
CA ARG B 51 7.12 4.12 3.22
C ARG B 51 8.31 4.58 4.03
N GLU B 52 8.55 3.99 5.20
CA GLU B 52 9.72 4.39 5.97
C GLU B 52 11.01 3.92 5.33
N THR B 53 10.99 2.73 4.71
CA THR B 53 12.18 2.27 4.00
C THR B 53 12.47 3.13 2.78
N ASP B 54 11.44 3.68 2.16
CA ASP B 54 11.59 4.48 0.94
C ASP B 54 12.16 5.85 1.33
N ILE B 55 13.49 5.91 1.46
CA ILE B 55 14.14 7.11 1.98
C ILE B 55 13.85 8.32 1.09
N ASP B 56 13.92 8.17 -0.23
CA ASP B 56 13.80 9.35 -1.08
C ASP B 56 12.36 9.65 -1.49
N GLY B 57 11.39 8.85 -1.06
CA GLY B 57 10.00 9.23 -1.19
C GLY B 57 9.41 9.12 -2.58
N ASP B 58 10.01 8.33 -3.47
CA ASP B 58 9.45 8.11 -4.80
C ASP B 58 8.47 6.96 -4.84
N GLY B 59 8.10 6.41 -3.67
CA GLY B 59 7.14 5.32 -3.60
C GLY B 59 7.69 3.96 -3.89
N GLN B 60 9.01 3.84 -4.08
CA GLN B 60 9.65 2.58 -4.43
C GLN B 60 10.87 2.38 -3.53
N VAL B 61 11.15 1.13 -3.22
CA VAL B 61 12.36 0.77 -2.47
C VAL B 61 13.37 0.21 -3.45
N ASN B 62 14.47 0.93 -3.66
CA ASN B 62 15.53 0.41 -4.52
C ASN B 62 16.47 -0.43 -3.67
N TYR B 63 17.49 -0.99 -4.30
CA TYR B 63 18.37 -1.91 -3.60
C TYR B 63 19.11 -1.20 -2.47
N GLU B 64 19.57 0.04 -2.72
CA GLU B 64 20.30 0.79 -1.71
C GLU B 64 19.46 1.04 -0.47
N GLU B 65 18.19 1.42 -0.67
CA GLU B 65 17.29 1.59 0.46
C GLU B 65 16.97 0.24 1.11
N PHE B 66 16.89 -0.81 0.31
CA PHE B 66 16.66 -2.15 0.86
C PHE B 66 17.79 -2.55 1.82
N VAL B 67 19.04 -2.27 1.43
CA VAL B 67 20.19 -2.67 2.24
C VAL B 67 20.27 -1.86 3.52
N GLN B 68 19.97 -0.56 3.43
CA GLN B 68 19.97 0.25 4.64
C GLN B 68 18.92 -0.24 5.63
N ARG B 69 17.77 -0.67 5.12
CA ARG B 69 16.76 -1.32 5.95
C ARG B 69 17.33 -2.58 6.61
N MET B 70 17.90 -3.48 5.80
CA MET B 70 18.36 -4.76 6.32
C MET B 70 19.48 -4.58 7.33
N ARG B 71 20.31 -3.56 7.14
CA ARG B 71 21.46 -3.38 8.00
C ARG B 71 21.17 -2.49 9.19
N GLU C 9 -22.02 -3.76 -21.76
CA GLU C 9 -21.03 -4.79 -22.05
C GLU C 9 -19.72 -4.13 -22.45
N LEU C 10 -18.66 -4.96 -22.62
CA LEU C 10 -17.35 -4.42 -22.95
C LEU C 10 -17.33 -3.78 -24.33
N ARG C 11 -17.85 -4.48 -25.34
CA ARG C 11 -17.95 -3.92 -26.68
C ARG C 11 -18.67 -2.58 -26.67
N GLU C 12 -19.83 -2.52 -26.01
CA GLU C 12 -20.62 -1.30 -25.99
C GLU C 12 -19.84 -0.14 -25.38
N GLN C 13 -19.12 -0.39 -24.28
CA GLN C 13 -18.35 0.67 -23.63
C GLN C 13 -17.12 1.07 -24.45
N PHE C 14 -16.47 0.10 -25.11
CA PHE C 14 -15.35 0.46 -25.98
C PHE C 14 -15.80 1.39 -27.09
N ARG C 15 -16.98 1.12 -27.67
CA ARG C 15 -17.51 2.00 -28.71
C ARG C 15 -17.80 3.39 -28.16
N VAL C 16 -18.19 3.51 -26.89
CA VAL C 16 -18.44 4.83 -26.33
C VAL C 16 -17.15 5.64 -26.29
N GLU C 17 -16.07 5.01 -25.82
CA GLU C 17 -14.80 5.71 -25.64
C GLU C 17 -14.10 5.98 -26.96
N ASP C 18 -14.26 5.10 -27.94
CA ASP C 18 -13.70 5.27 -29.28
C ASP C 18 -14.58 6.25 -30.06
N LYS C 19 -14.25 7.53 -29.95
CA LYS C 19 -15.12 8.58 -30.44
C LYS C 19 -15.11 8.66 -31.97
N ASP C 20 -13.95 8.53 -32.60
CA ASP C 20 -13.91 8.55 -34.05
C ASP C 20 -14.06 7.16 -34.64
N GLY C 21 -14.30 6.14 -33.82
CA GLY C 21 -14.62 4.82 -34.32
C GLY C 21 -13.54 4.15 -35.15
N ASN C 22 -12.26 4.45 -34.89
CA ASN C 22 -11.19 3.77 -35.62
C ASN C 22 -10.72 2.47 -34.95
N GLY C 23 -11.42 1.99 -33.93
CA GLY C 23 -10.98 0.78 -33.26
C GLY C 23 -9.84 0.97 -32.29
N TYR C 24 -9.53 2.20 -31.93
CA TYR C 24 -8.51 2.49 -30.93
C TYR C 24 -9.04 3.55 -29.99
N ILE C 25 -8.62 3.50 -28.73
CA ILE C 25 -8.83 4.60 -27.82
C ILE C 25 -7.51 5.36 -27.74
N SER C 26 -7.52 6.61 -28.21
CA SER C 26 -6.32 7.43 -28.16
C SER C 26 -6.20 8.08 -26.78
N ALA C 27 -5.01 8.62 -26.52
CA ALA C 27 -4.80 9.37 -25.28
C ALA C 27 -5.84 10.47 -25.12
N ALA C 28 -6.14 11.18 -26.21
CA ALA C 28 -7.11 12.27 -26.16
C ALA C 28 -8.51 11.77 -25.89
N GLU C 29 -8.91 10.66 -26.52
CA GLU C 29 -10.23 10.13 -26.25
C GLU C 29 -10.36 9.72 -24.79
N LEU C 30 -9.33 9.10 -24.23
CA LEU C 30 -9.38 8.73 -22.81
C LEU C 30 -9.53 9.97 -21.92
N ARG C 31 -8.85 11.07 -22.25
CA ARG C 31 -9.07 12.31 -21.51
C ARG C 31 -10.52 12.78 -21.61
N ILE C 32 -11.12 12.69 -22.80
CA ILE C 32 -12.54 13.02 -22.96
C ILE C 32 -13.41 12.15 -22.05
N VAL C 33 -13.15 10.83 -22.07
CA VAL C 33 -13.97 9.91 -21.30
C VAL C 33 -13.89 10.24 -19.81
N MET C 34 -12.69 10.56 -19.32
CA MET C 34 -12.51 10.81 -17.89
C MET C 34 -13.13 12.15 -17.49
N THR C 35 -13.06 13.14 -18.36
CA THR C 35 -13.74 14.40 -18.11
C THR C 35 -15.25 14.20 -18.05
N ASN C 36 -15.82 13.56 -19.08
CA ASN C 36 -17.27 13.37 -19.14
C ASN C 36 -17.80 12.55 -17.96
N ARG C 37 -16.97 11.69 -17.38
CA ARG C 37 -17.41 10.84 -16.28
C ARG C 37 -17.12 11.45 -14.92
N GLY C 38 -16.48 12.61 -14.87
CA GLY C 38 -16.14 13.26 -13.61
C GLY C 38 -15.16 12.45 -12.77
N GLU C 39 -14.04 12.05 -13.36
CA GLU C 39 -13.06 11.29 -12.60
C GLU C 39 -11.98 12.23 -12.09
N PRO C 40 -11.65 12.17 -10.80
CA PRO C 40 -10.66 13.11 -10.24
C PRO C 40 -9.24 12.73 -10.61
N LEU C 41 -8.89 12.89 -11.88
CA LEU C 41 -7.54 12.64 -12.37
C LEU C 41 -7.06 13.83 -13.17
N THR C 42 -5.77 14.11 -13.09
CA THR C 42 -5.18 15.12 -13.95
C THR C 42 -4.99 14.57 -15.35
N ASP C 43 -4.83 15.49 -16.31
CA ASP C 43 -4.50 15.07 -17.67
C ASP C 43 -3.35 14.09 -17.69
N GLU C 44 -2.26 14.44 -17.00
CA GLU C 44 -1.04 13.64 -17.02
C GLU C 44 -1.24 12.27 -16.38
N GLU C 45 -2.15 12.17 -15.41
CA GLU C 45 -2.45 10.87 -14.81
C GLU C 45 -3.24 10.00 -15.78
N VAL C 46 -4.22 10.59 -16.47
CA VAL C 46 -4.93 9.87 -17.53
C VAL C 46 -3.94 9.35 -18.56
N ASP C 47 -2.98 10.19 -18.97
CA ASP C 47 -1.98 9.78 -19.95
C ASP C 47 -1.13 8.62 -19.43
N GLU C 48 -0.75 8.62 -18.15
CA GLU C 48 0.02 7.50 -17.63
C GLU C 48 -0.82 6.23 -17.62
N LEU C 49 -2.09 6.36 -17.21
CA LEU C 49 -3.00 5.22 -17.25
C LEU C 49 -3.14 4.67 -18.66
N HIS C 50 -3.32 5.55 -19.65
CA HIS C 50 -3.41 5.11 -21.04
C HIS C 50 -2.14 4.36 -21.46
N ARG C 51 -0.97 4.92 -21.15
CA ARG C 51 0.31 4.29 -21.48
C ARG C 51 0.42 2.89 -20.88
N GLU C 52 -0.03 2.71 -19.64
CA GLU C 52 0.04 1.40 -19.01
C GLU C 52 -0.95 0.42 -19.65
N THR C 53 -2.13 0.92 -20.05
CA THR C 53 -3.10 0.03 -20.68
C THR C 53 -2.63 -0.38 -22.06
N ASP C 54 -1.95 0.53 -22.75
CA ASP C 54 -1.37 0.31 -24.06
C ASP C 54 -0.22 -0.67 -23.97
N ILE C 55 -0.51 -1.97 -24.12
CA ILE C 55 0.50 -2.99 -23.86
C ILE C 55 1.57 -2.99 -24.95
N ASP C 56 1.17 -2.97 -26.23
CA ASP C 56 2.17 -3.13 -27.28
C ASP C 56 2.88 -1.82 -27.64
N GLY C 57 2.48 -0.69 -27.06
CA GLY C 57 3.25 0.53 -27.21
C GLY C 57 3.04 1.28 -28.50
N ASP C 58 1.97 1.02 -29.23
CA ASP C 58 1.70 1.77 -30.46
C ASP C 58 1.00 3.10 -30.19
N GLY C 59 0.82 3.48 -28.92
CA GLY C 59 0.17 4.74 -28.60
C GLY C 59 -1.34 4.69 -28.58
N GLN C 60 -1.94 3.51 -28.75
CA GLN C 60 -3.38 3.34 -28.81
C GLN C 60 -3.78 2.22 -27.87
N VAL C 61 -5.05 2.23 -27.47
CA VAL C 61 -5.63 1.13 -26.71
C VAL C 61 -6.67 0.46 -27.61
N ASN C 62 -6.38 -0.74 -28.06
CA ASN C 62 -7.33 -1.48 -28.90
C ASN C 62 -8.31 -2.23 -28.01
N TYR C 63 -9.17 -3.03 -28.61
CA TYR C 63 -10.22 -3.66 -27.82
C TYR C 63 -9.65 -4.67 -26.82
N GLU C 64 -8.63 -5.41 -27.23
CA GLU C 64 -8.07 -6.44 -26.36
C GLU C 64 -7.36 -5.85 -25.16
N GLU C 65 -6.56 -4.80 -25.37
CA GLU C 65 -5.95 -4.09 -24.26
C GLU C 65 -7.02 -3.48 -23.35
N PHE C 66 -8.08 -2.92 -23.96
CA PHE C 66 -9.18 -2.38 -23.17
C PHE C 66 -9.82 -3.45 -22.28
N VAL C 67 -10.04 -4.65 -22.82
CA VAL C 67 -10.69 -5.72 -22.06
C VAL C 67 -9.88 -6.05 -20.82
N GLN C 68 -8.54 -6.13 -20.96
CA GLN C 68 -7.70 -6.44 -19.82
C GLN C 68 -7.78 -5.34 -18.77
N ARG C 69 -7.77 -4.08 -19.22
CA ARG C 69 -7.97 -2.98 -18.31
C ARG C 69 -9.29 -3.11 -17.54
N MET C 70 -10.36 -3.49 -18.24
CA MET C 70 -11.64 -3.64 -17.58
C MET C 70 -11.64 -4.82 -16.60
N ARG C 71 -10.82 -5.81 -16.85
CA ARG C 71 -10.74 -6.94 -15.92
C ARG C 71 -9.81 -6.66 -14.76
N GLU D 7 -2.53 -22.32 21.83
CA GLU D 7 -2.51 -21.54 23.05
C GLU D 7 -1.32 -21.87 23.95
N GLU D 8 -0.90 -23.15 23.98
CA GLU D 8 0.27 -23.51 24.77
C GLU D 8 1.51 -22.79 24.27
N GLU D 9 1.68 -22.74 22.95
CA GLU D 9 2.84 -22.05 22.40
C GLU D 9 2.73 -20.54 22.57
N LEU D 10 1.51 -19.99 22.45
CA LEU D 10 1.35 -18.54 22.59
C LEU D 10 1.68 -18.08 24.01
N ARG D 11 1.20 -18.82 25.03
CA ARG D 11 1.48 -18.42 26.40
C ARG D 11 2.96 -18.53 26.72
N GLU D 12 3.62 -19.61 26.28
CA GLU D 12 5.06 -19.73 26.51
C GLU D 12 5.83 -18.61 25.81
N GLN D 13 5.46 -18.28 24.57
CA GLN D 13 6.06 -17.14 23.88
C GLN D 13 5.80 -15.83 24.62
N PHE D 14 4.57 -15.61 25.09
CA PHE D 14 4.28 -14.42 25.88
C PHE D 14 5.17 -14.34 27.11
N ARG D 15 5.32 -15.45 27.84
CA ARG D 15 6.18 -15.46 29.02
C ARG D 15 7.60 -15.08 28.66
N VAL D 16 8.10 -15.60 27.53
CA VAL D 16 9.48 -15.33 27.09
C VAL D 16 9.68 -13.84 26.84
N GLU D 17 8.69 -13.19 26.22
CA GLU D 17 8.84 -11.78 25.91
C GLU D 17 8.69 -10.91 27.14
N ASP D 18 7.88 -11.35 28.11
CA ASP D 18 7.67 -10.64 29.38
C ASP D 18 8.90 -10.88 30.27
N LYS D 19 9.94 -10.10 30.01
CA LYS D 19 11.25 -10.36 30.62
C LYS D 19 11.23 -10.18 32.14
N ASP D 20 10.58 -9.13 32.65
CA ASP D 20 10.58 -8.95 34.09
C ASP D 20 9.50 -9.77 34.79
N GLY D 21 8.68 -10.52 34.05
CA GLY D 21 7.69 -11.36 34.70
C GLY D 21 6.55 -10.62 35.36
N ASN D 22 6.26 -9.40 34.93
CA ASN D 22 5.20 -8.61 35.55
C ASN D 22 3.84 -8.77 34.86
N GLY D 23 3.71 -9.71 33.93
CA GLY D 23 2.44 -10.00 33.29
C GLY D 23 2.15 -9.21 32.03
N TYR D 24 3.05 -8.34 31.59
CA TYR D 24 2.87 -7.51 30.41
C TYR D 24 4.16 -7.45 29.62
N ILE D 25 4.04 -7.25 28.31
CA ILE D 25 5.22 -6.96 27.46
C ILE D 25 5.35 -5.45 27.35
N SER D 26 6.47 -4.90 27.82
CA SER D 26 6.67 -3.48 27.63
C SER D 26 7.36 -3.23 26.29
N ALA D 27 7.38 -1.96 25.88
CA ALA D 27 8.12 -1.60 24.67
C ALA D 27 9.59 -1.96 24.81
N ALA D 28 10.19 -1.65 25.98
CA ALA D 28 11.59 -2.02 26.23
C ALA D 28 11.81 -3.52 26.06
N GLU D 29 10.87 -4.34 26.53
CA GLU D 29 11.03 -5.78 26.38
C GLU D 29 10.90 -6.22 24.92
N LEU D 30 9.95 -5.63 24.17
CA LEU D 30 9.81 -6.01 22.77
C LEU D 30 11.07 -5.64 21.97
N ARG D 31 11.70 -4.51 22.29
CA ARG D 31 12.95 -4.17 21.62
C ARG D 31 14.03 -5.21 21.89
N ILE D 32 14.05 -5.77 23.10
CA ILE D 32 15.00 -6.82 23.42
C ILE D 32 14.71 -8.05 22.57
N VAL D 33 13.43 -8.40 22.47
CA VAL D 33 13.01 -9.55 21.68
C VAL D 33 13.40 -9.36 20.22
N MET D 34 13.07 -8.20 19.65
CA MET D 34 13.34 -7.97 18.23
C MET D 34 14.84 -7.88 17.95
N THR D 35 15.60 -7.30 18.88
CA THR D 35 17.05 -7.22 18.69
C THR D 35 17.69 -8.60 18.78
N ASN D 36 17.22 -9.42 19.72
CA ASN D 36 17.71 -10.79 19.84
C ASN D 36 17.48 -11.58 18.56
N ARG D 37 16.29 -11.44 17.97
CA ARG D 37 15.93 -12.12 16.72
C ARG D 37 16.49 -11.44 15.48
N GLY D 38 17.17 -10.30 15.60
CA GLY D 38 17.74 -9.64 14.43
C GLY D 38 16.74 -9.13 13.41
N GLU D 39 15.51 -8.83 13.83
CA GLU D 39 14.54 -8.31 12.86
C GLU D 39 14.98 -6.94 12.37
N PRO D 40 14.75 -6.62 11.07
CA PRO D 40 15.21 -5.35 10.48
C PRO D 40 14.26 -4.19 10.78
N LEU D 41 14.04 -3.93 12.06
CA LEU D 41 13.27 -2.80 12.51
C LEU D 41 14.16 -1.99 13.44
N THR D 42 14.03 -0.68 13.39
CA THR D 42 14.74 0.15 14.35
C THR D 42 14.02 0.12 15.69
N ASP D 43 14.71 0.58 16.74
CA ASP D 43 14.06 0.67 18.05
C ASP D 43 12.79 1.50 17.97
N GLU D 44 12.86 2.63 17.25
CA GLU D 44 11.70 3.50 17.08
C GLU D 44 10.52 2.77 16.44
N GLU D 45 10.79 1.94 15.44
CA GLU D 45 9.72 1.22 14.74
C GLU D 45 9.15 0.10 15.60
N VAL D 46 10.00 -0.59 16.39
CA VAL D 46 9.49 -1.60 17.33
C VAL D 46 8.55 -0.95 18.33
N ASP D 47 8.90 0.25 18.81
CA ASP D 47 8.00 0.98 19.69
C ASP D 47 6.65 1.26 19.02
N GLU D 48 6.69 1.60 17.72
CA GLU D 48 5.45 1.80 16.97
C GLU D 48 4.66 0.51 16.89
N LEU D 49 5.34 -0.59 16.59
CA LEU D 49 4.69 -1.89 16.54
C LEU D 49 4.01 -2.20 17.88
N HIS D 50 4.72 -1.98 18.98
CA HIS D 50 4.17 -2.20 20.31
C HIS D 50 2.94 -1.35 20.55
N ARG D 51 3.01 -0.07 20.20
CA ARG D 51 1.89 0.84 20.37
C ARG D 51 0.64 0.32 19.65
N GLU D 52 0.80 -0.19 18.42
CA GLU D 52 -0.34 -0.70 17.66
C GLU D 52 -0.91 -1.96 18.29
N THR D 53 -0.04 -2.83 18.79
CA THR D 53 -0.48 -4.04 19.46
C THR D 53 -1.25 -3.71 20.73
N ASP D 54 -0.85 -2.63 21.41
CA ASP D 54 -1.45 -2.14 22.65
C ASP D 54 -2.83 -1.56 22.35
N ILE D 55 -3.83 -2.45 22.21
CA ILE D 55 -5.18 -2.03 21.83
C ILE D 55 -5.76 -1.02 22.83
N ASP D 56 -5.68 -1.32 24.13
CA ASP D 56 -6.33 -0.41 25.09
C ASP D 56 -5.45 0.78 25.47
N GLY D 57 -4.22 0.87 24.98
CA GLY D 57 -3.43 2.08 25.16
C GLY D 57 -2.89 2.31 26.55
N ASP D 58 -2.83 1.28 27.38
CA ASP D 58 -2.32 1.47 28.72
C ASP D 58 -0.79 1.49 28.78
N GLY D 59 -0.14 1.38 27.62
CA GLY D 59 1.30 1.37 27.54
C GLY D 59 1.91 0.00 27.55
N GLN D 60 1.10 -1.06 27.65
CA GLN D 60 1.58 -2.42 27.80
C GLN D 60 0.82 -3.34 26.85
N VAL D 61 1.48 -4.43 26.47
CA VAL D 61 0.84 -5.46 25.68
C VAL D 61 0.46 -6.59 26.62
N ASN D 62 -0.83 -6.88 26.75
CA ASN D 62 -1.26 -7.98 27.59
C ASN D 62 -1.43 -9.23 26.73
N TYR D 63 -1.79 -10.34 27.39
CA TYR D 63 -1.81 -11.61 26.69
C TYR D 63 -2.82 -11.61 25.55
N GLU D 64 -4.01 -11.04 25.78
CA GLU D 64 -5.03 -11.00 24.73
C GLU D 64 -4.58 -10.11 23.57
N GLU D 65 -3.99 -8.95 23.85
CA GLU D 65 -3.45 -8.11 22.78
C GLU D 65 -2.36 -8.84 22.00
N PHE D 66 -1.48 -9.54 22.70
CA PHE D 66 -0.42 -10.32 22.05
C PHE D 66 -1.00 -11.40 21.14
N VAL D 67 -2.09 -12.05 21.57
CA VAL D 67 -2.70 -13.10 20.75
C VAL D 67 -3.30 -12.52 19.48
N GLN D 68 -4.04 -11.41 19.60
CA GLN D 68 -4.61 -10.79 18.42
C GLN D 68 -3.52 -10.41 17.43
N ARG D 69 -2.37 -9.93 17.94
CA ARG D 69 -1.25 -9.59 17.08
C ARG D 69 -0.72 -10.83 16.38
N MET D 70 -0.56 -11.92 17.12
CA MET D 70 0.02 -13.11 16.52
C MET D 70 -0.94 -13.80 15.56
N ARG D 71 -2.22 -13.42 15.54
CA ARG D 71 -3.18 -14.00 14.61
C ARG D 71 -3.63 -13.01 13.54
#